data_6S37
#
_entry.id   6S37
#
_cell.length_a   44.842
_cell.length_b   69.404
_cell.length_c   93.540
_cell.angle_alpha   90.00
_cell.angle_beta   90.00
_cell.angle_gamma   90.00
#
_symmetry.space_group_name_H-M   'P 21 21 21'
#
loop_
_entity.id
_entity.type
_entity.pdbx_description
1 polymer 'Aromatic acid chemoreceptor'
2 non-polymer '2-HYDROXYBENZOIC ACID'
3 non-polymer 'ACETATE ION'
4 water water
#
_entity_poly.entity_id   1
_entity_poly.type   'polypeptide(L)'
_entity_poly.pdbx_seq_one_letter_code
;MVPTRSTARMLANLKIRTGMFWVLSLFSLTLLFSTASAWWAALGSDQQITELDQTAHQSDRLNNALLMAIRSSANVSSGF
IEQLGGHDESAGKRMALSVELNNKSQALVDEFVENAREPALRGLATELQATFAEYAKAVAGQREATRQRSLEQYFKVNSD
AGNAMGRLQTLRQQLVTTLSERGQQIMLESDRRLARAQLLSLCLLGVTVVLAVLCWAFIAQRVLHPLREAGGHFRRIASG
DLSVPVQGQGNNEIGQLFHELQRMQQSQRDTLGQINNCARQLDAAATALNAVTEESANNLRQQGQELEQAATAVTEMTTA
VEEVARNAITTSQTTSESNQLAAQSRRQVSENIDGTEAMTREIQTSSAHLQQLVGQVRDIGKVLEVIRSVSEQTNLLALN
AAIEAARAGEAGRGFAVVADEVRTLAYRTQQSTQEIEQMIGSVQAGTEAAVASMQASTNRAQSTLDVTLASGQVLEGIYS
AIGEINERNLVIASAAEEQAQVAREVDRNLLNIRELSNHSAAGAQQTSEASKALSGLVGEMTALVGRFKV
;
_entity_poly.pdbx_strand_id   A,B
#
# COMPACT_ATOMS: atom_id res chain seq x y z
N THR A 50 26.86 -15.11 -3.18
CA THR A 50 25.54 -15.16 -2.53
C THR A 50 25.08 -13.76 -2.14
N GLU A 51 25.97 -12.77 -2.29
CA GLU A 51 25.57 -11.38 -2.14
C GLU A 51 24.51 -10.99 -3.16
N LEU A 52 24.42 -11.75 -4.26
CA LEU A 52 23.35 -11.54 -5.24
C LEU A 52 21.98 -11.80 -4.61
N ASP A 53 21.81 -12.95 -3.97
N ASP A 53 21.82 -12.96 -3.98
CA ASP A 53 20.52 -13.24 -3.36
CA ASP A 53 20.57 -13.30 -3.31
C ASP A 53 20.28 -12.42 -2.10
C ASP A 53 20.27 -12.33 -2.18
N GLN A 54 21.30 -11.73 -1.59
CA GLN A 54 21.10 -10.84 -0.44
C GLN A 54 20.56 -9.48 -0.88
N THR A 55 20.87 -9.03 -2.10
CA THR A 55 20.24 -7.82 -2.61
C THR A 55 18.76 -8.03 -2.90
N ALA A 56 18.37 -9.27 -3.20
CA ALA A 56 16.96 -9.57 -3.43
C ALA A 56 16.17 -9.59 -2.13
N HIS A 57 16.79 -10.07 -1.04
CA HIS A 57 16.13 -10.02 0.25
C HIS A 57 15.95 -8.59 0.73
N GLN A 58 16.96 -7.74 0.48
CA GLN A 58 16.82 -6.33 0.82
C GLN A 58 15.71 -5.66 0.00
N SER A 59 15.50 -6.13 -1.24
N SER A 59 15.55 -6.07 -1.26
CA SER A 59 14.55 -5.51 -2.13
CA SER A 59 14.52 -5.48 -2.09
C SER A 59 13.11 -5.87 -1.81
C SER A 59 13.13 -5.95 -1.68
N ASP A 60 12.86 -7.06 -1.25
N ASP A 60 13.01 -7.20 -1.24
CA ASP A 60 11.50 -7.43 -0.87
CA ASP A 60 11.72 -7.72 -0.82
C ASP A 60 11.24 -7.27 0.62
C ASP A 60 11.29 -7.16 0.52
N ARG A 61 12.25 -6.90 1.41
CA ARG A 61 11.95 -6.24 2.68
C ARG A 61 11.39 -4.86 2.42
N LEU A 62 11.95 -4.17 1.42
CA LEU A 62 11.48 -2.84 1.03
C LEU A 62 10.06 -2.90 0.49
N ASN A 63 9.82 -3.77 -0.48
CA ASN A 63 8.51 -3.84 -1.13
C ASN A 63 7.43 -4.28 -0.15
N ASN A 64 7.75 -5.24 0.72
CA ASN A 64 6.77 -5.68 1.72
C ASN A 64 6.51 -4.58 2.74
N ALA A 65 7.55 -3.83 3.14
CA ALA A 65 7.38 -2.80 4.15
C ALA A 65 6.46 -1.69 3.66
N LEU A 66 6.68 -1.23 2.43
CA LEU A 66 5.85 -0.14 1.91
C LEU A 66 4.43 -0.60 1.63
N LEU A 67 4.27 -1.82 1.11
N LEU A 67 4.29 -1.82 1.10
CA LEU A 67 2.93 -2.32 0.85
CA LEU A 67 2.97 -2.40 0.84
C LEU A 67 2.12 -2.42 2.14
C LEU A 67 2.14 -2.46 2.12
N MET A 68 2.72 -2.99 3.20
CA MET A 68 2.01 -3.09 4.47
C MET A 68 1.84 -1.72 5.11
N ALA A 69 2.79 -0.80 4.90
CA ALA A 69 2.64 0.55 5.43
C ALA A 69 1.41 1.23 4.83
N ILE A 70 1.18 1.06 3.53
CA ILE A 70 0.01 1.67 2.90
C ILE A 70 -1.26 0.92 3.31
N ARG A 71 -1.18 -0.41 3.43
CA ARG A 71 -2.33 -1.18 3.89
C ARG A 71 -2.77 -0.74 5.28
N SER A 72 -1.83 -0.28 6.12
CA SER A 72 -2.17 0.16 7.46
C SER A 72 -3.01 1.43 7.42
N SER A 73 -2.64 2.38 6.56
CA SER A 73 -3.44 3.59 6.40
C SER A 73 -4.80 3.26 5.78
N ALA A 74 -4.82 2.31 4.85
CA ALA A 74 -6.09 1.86 4.28
C ALA A 74 -7.00 1.28 5.35
N ASN A 75 -6.43 0.68 6.39
CA ASN A 75 -7.24 0.05 7.42
C ASN A 75 -7.79 1.08 8.41
N VAL A 76 -7.04 2.14 8.71
N VAL A 76 -7.02 2.12 8.74
CA VAL A 76 -7.53 3.12 9.68
CA VAL A 76 -7.52 3.14 9.66
C VAL A 76 -8.62 3.99 9.06
C VAL A 76 -8.66 3.91 9.02
N SER A 77 -8.48 4.35 7.77
CA SER A 77 -9.49 5.17 7.11
C SER A 77 -10.77 4.39 6.91
N SER A 78 -10.67 3.16 6.39
CA SER A 78 -11.86 2.33 6.25
C SER A 78 -12.42 1.93 7.62
N GLY A 79 -11.57 1.75 8.62
CA GLY A 79 -12.05 1.46 9.96
C GLY A 79 -12.76 2.65 10.58
N PHE A 80 -12.26 3.87 10.31
CA PHE A 80 -12.95 5.08 10.76
C PHE A 80 -14.35 5.15 10.18
N ILE A 81 -14.51 4.78 8.92
CA ILE A 81 -15.81 4.79 8.27
C ILE A 81 -16.73 3.74 8.87
N GLU A 82 -16.19 2.53 9.10
CA GLU A 82 -16.99 1.48 9.73
C GLU A 82 -17.44 1.90 11.12
N GLN A 83 -16.60 2.66 11.85
N GLN A 83 -16.60 2.65 11.84
CA GLN A 83 -17.01 3.13 13.17
CA GLN A 83 -16.98 3.16 13.16
C GLN A 83 -18.18 4.10 13.07
C GLN A 83 -18.17 4.10 13.07
N LEU A 84 -18.14 5.02 12.10
CA LEU A 84 -19.23 5.97 11.94
C LEU A 84 -20.52 5.28 11.48
N GLY A 85 -20.41 4.13 10.84
CA GLY A 85 -21.58 3.33 10.54
C GLY A 85 -22.07 2.48 11.70
N GLY A 86 -21.43 2.59 12.86
CA GLY A 86 -21.84 1.82 14.01
C GLY A 86 -21.29 0.41 14.06
N HIS A 87 -20.28 0.10 13.26
CA HIS A 87 -19.67 -1.23 13.26
C HIS A 87 -18.41 -1.20 14.13
N ASP A 88 -18.66 -1.18 15.45
CA ASP A 88 -17.56 -1.03 16.40
C ASP A 88 -16.61 -2.22 16.37
N GLU A 89 -17.17 -3.44 16.28
CA GLU A 89 -16.33 -4.64 16.27
C GLU A 89 -15.43 -4.67 15.04
N SER A 90 -16.01 -4.44 13.86
CA SER A 90 -15.20 -4.43 12.65
C SER A 90 -14.17 -3.31 12.68
N ALA A 91 -14.54 -2.16 13.25
CA ALA A 91 -13.59 -1.05 13.34
C ALA A 91 -12.43 -1.38 14.27
N GLY A 92 -12.71 -2.08 15.38
CA GLY A 92 -11.66 -2.48 16.28
C GLY A 92 -10.66 -3.43 15.64
N LYS A 93 -11.16 -4.32 14.78
CA LYS A 93 -10.28 -5.26 14.10
C LYS A 93 -9.39 -4.55 13.08
N ARG A 94 -9.92 -3.52 12.41
CA ARG A 94 -9.10 -2.76 11.47
C ARG A 94 -8.06 -1.93 12.20
N MET A 95 -8.40 -1.41 13.38
CA MET A 95 -7.39 -0.73 14.21
C MET A 95 -6.26 -1.68 14.56
N ALA A 96 -6.60 -2.90 14.97
CA ALA A 96 -5.57 -3.88 15.33
C ALA A 96 -4.75 -4.27 14.11
N LEU A 97 -5.40 -4.44 12.96
CA LEU A 97 -4.66 -4.78 11.75
C LEU A 97 -3.73 -3.63 11.34
N SER A 98 -4.18 -2.39 11.52
CA SER A 98 -3.32 -1.25 11.23
C SER A 98 -2.09 -1.24 12.15
N VAL A 99 -2.29 -1.53 13.43
CA VAL A 99 -1.15 -1.65 14.35
C VAL A 99 -0.18 -2.72 13.86
N GLU A 100 -0.71 -3.91 13.57
CA GLU A 100 0.13 -5.04 13.20
C GLU A 100 0.90 -4.77 11.90
N LEU A 101 0.26 -4.11 10.93
CA LEU A 101 0.92 -3.88 9.66
C LEU A 101 2.05 -2.87 9.79
N ASN A 102 1.83 -1.78 10.53
CA ASN A 102 2.88 -0.79 10.72
C ASN A 102 4.03 -1.34 11.55
N ASN A 103 3.74 -2.21 12.52
CA ASN A 103 4.80 -2.84 13.29
C ASN A 103 5.61 -3.80 12.43
N LYS A 104 4.93 -4.61 11.62
CA LYS A 104 5.63 -5.48 10.68
C LYS A 104 6.47 -4.68 9.71
N SER A 105 5.94 -3.56 9.20
CA SER A 105 6.68 -2.77 8.24
C SER A 105 7.91 -2.13 8.87
N GLN A 106 7.79 -1.64 10.10
CA GLN A 106 8.93 -1.02 10.76
C GLN A 106 10.00 -2.04 11.12
N ALA A 107 9.59 -3.27 11.42
CA ALA A 107 10.55 -4.34 11.68
C ALA A 107 11.33 -4.68 10.42
N LEU A 108 10.66 -4.75 9.28
CA LEU A 108 11.36 -4.97 8.01
C LEU A 108 12.28 -3.80 7.69
N VAL A 109 11.81 -2.57 7.91
CA VAL A 109 12.63 -1.39 7.67
C VAL A 109 13.89 -1.44 8.51
N ASP A 110 13.75 -1.80 9.79
CA ASP A 110 14.93 -1.88 10.66
C ASP A 110 15.86 -3.00 10.23
N GLU A 111 15.31 -4.15 9.81
N GLU A 111 15.30 -4.15 9.83
CA GLU A 111 16.14 -5.20 9.24
CA GLU A 111 16.12 -5.20 9.23
C GLU A 111 16.79 -4.74 7.93
C GLU A 111 16.82 -4.69 7.97
N PHE A 112 16.15 -3.81 7.22
CA PHE A 112 16.71 -3.32 5.97
C PHE A 112 17.97 -2.49 6.20
N VAL A 113 17.93 -1.59 7.20
CA VAL A 113 19.09 -0.73 7.44
C VAL A 113 20.22 -1.49 8.12
N GLU A 114 19.93 -2.59 8.82
N GLU A 114 19.93 -2.60 8.80
CA GLU A 114 21.02 -3.39 9.38
CA GLU A 114 20.98 -3.42 9.38
C GLU A 114 21.86 -4.01 8.26
C GLU A 114 21.85 -4.05 8.30
N ASN A 115 21.22 -4.54 7.23
CA ASN A 115 21.91 -5.24 6.15
C ASN A 115 22.39 -4.32 5.04
N ALA A 116 22.12 -3.02 5.14
CA ALA A 116 22.61 -2.04 4.17
C ALA A 116 23.93 -1.49 4.71
N ARG A 117 25.04 -2.10 4.30
N ARG A 117 25.03 -2.09 4.27
CA ARG A 117 26.35 -1.67 4.76
CA ARG A 117 26.37 -1.68 4.70
C ARG A 117 27.14 -0.89 3.72
C ARG A 117 27.10 -0.84 3.67
N GLU A 118 26.85 -1.09 2.44
N GLU A 118 26.92 -1.14 2.39
CA GLU A 118 27.58 -0.38 1.39
CA GLU A 118 27.57 -0.39 1.34
C GLU A 118 27.13 1.08 1.38
C GLU A 118 27.13 1.08 1.39
N PRO A 119 28.06 2.04 1.46
CA PRO A 119 27.66 3.44 1.64
C PRO A 119 26.89 4.03 0.46
N ALA A 120 26.96 3.42 -0.73
CA ALA A 120 26.09 3.84 -1.81
C ALA A 120 24.62 3.58 -1.48
N LEU A 121 24.36 2.78 -0.44
CA LEU A 121 23.03 2.37 -0.04
C LEU A 121 22.61 2.92 1.32
N ARG A 122 23.55 3.19 2.22
N ARG A 122 23.57 3.19 2.20
CA ARG A 122 23.18 3.58 3.58
CA ARG A 122 23.25 3.60 3.57
C ARG A 122 22.60 4.99 3.62
C ARG A 122 22.61 4.99 3.61
N GLY A 123 23.00 5.86 2.69
CA GLY A 123 22.49 7.23 2.72
C GLY A 123 20.99 7.31 2.55
N LEU A 124 20.44 6.48 1.67
CA LEU A 124 18.99 6.43 1.49
C LEU A 124 18.31 5.57 2.54
N ALA A 125 19.03 4.62 3.14
CA ALA A 125 18.42 3.66 4.05
C ALA A 125 17.94 4.35 5.33
N THR A 126 18.80 5.14 5.96
CA THR A 126 18.42 5.76 7.22
C THR A 126 17.44 6.91 7.04
N GLU A 127 17.41 7.54 5.86
N GLU A 127 17.43 7.55 5.85
CA GLU A 127 16.33 8.50 5.60
CA GLU A 127 16.37 8.48 5.54
C GLU A 127 15.00 7.79 5.45
C GLU A 127 15.02 7.77 5.48
N LEU A 128 15.01 6.54 4.97
CA LEU A 128 13.79 5.76 4.91
C LEU A 128 13.29 5.41 6.30
N GLN A 129 14.21 5.14 7.23
CA GLN A 129 13.82 4.83 8.60
C GLN A 129 13.27 6.05 9.31
N ALA A 130 13.97 7.19 9.19
CA ALA A 130 13.49 8.42 9.82
C ALA A 130 12.16 8.86 9.23
N THR A 131 12.01 8.76 7.90
CA THR A 131 10.73 9.12 7.28
C THR A 131 9.63 8.19 7.73
N PHE A 132 9.95 6.91 7.94
CA PHE A 132 8.90 5.96 8.32
C PHE A 132 8.42 6.21 9.75
N ALA A 133 9.35 6.49 10.66
CA ALA A 133 8.94 6.83 12.03
C ALA A 133 7.98 8.02 12.04
N GLU A 134 8.19 8.97 11.11
CA GLU A 134 7.25 10.07 10.96
C GLU A 134 5.90 9.59 10.43
N TYR A 135 5.92 8.66 9.46
CA TYR A 135 4.69 8.13 8.92
C TYR A 135 3.93 7.31 9.97
N ALA A 136 4.65 6.54 10.78
CA ALA A 136 4.01 5.69 11.76
C ALA A 136 3.27 6.50 12.82
N LYS A 137 3.88 7.60 13.29
N LYS A 137 3.88 7.60 13.28
CA LYS A 137 3.23 8.42 14.30
CA LYS A 137 3.24 8.42 14.31
C LYS A 137 1.97 9.08 13.76
C LYS A 137 1.99 9.12 13.78
N ALA A 138 1.97 9.45 12.48
CA ALA A 138 0.78 10.07 11.90
C ALA A 138 -0.36 9.07 11.77
N VAL A 139 -0.05 7.83 11.38
CA VAL A 139 -1.06 6.79 11.31
C VAL A 139 -1.56 6.45 12.71
N ALA A 140 -0.66 6.41 13.69
CA ALA A 140 -1.08 6.24 15.07
C ALA A 140 -1.98 7.39 15.52
N GLY A 141 -1.74 8.59 15.01
CA GLY A 141 -2.64 9.70 15.30
C GLY A 141 -3.98 9.55 14.64
N GLN A 142 -4.01 8.96 13.44
CA GLN A 142 -5.28 8.65 12.80
C GLN A 142 -6.06 7.60 13.58
N ARG A 143 -5.37 6.67 14.23
CA ARG A 143 -6.05 5.63 14.98
C ARG A 143 -6.68 6.19 16.26
N GLU A 144 -5.97 7.10 16.94
N GLU A 144 -5.96 7.10 16.94
CA GLU A 144 -6.54 7.67 18.16
CA GLU A 144 -6.51 7.70 18.15
C GLU A 144 -7.69 8.62 17.84
C GLU A 144 -7.67 8.63 17.84
N ALA A 145 -7.67 9.24 16.65
CA ALA A 145 -8.82 10.03 16.22
C ALA A 145 -10.01 9.13 15.92
N THR A 146 -9.75 7.93 15.40
CA THR A 146 -10.82 6.98 15.15
C THR A 146 -11.47 6.54 16.47
N ARG A 147 -10.65 6.17 17.46
CA ARG A 147 -11.19 5.78 18.75
C ARG A 147 -11.90 6.94 19.44
N GLN A 148 -11.49 8.18 19.14
CA GLN A 148 -12.13 9.37 19.69
C GLN A 148 -13.29 9.86 18.84
N ARG A 149 -13.47 9.31 17.64
N ARG A 149 -13.47 9.31 17.64
CA ARG A 149 -14.57 9.68 16.74
CA ARG A 149 -14.58 9.69 16.75
C ARG A 149 -14.55 11.18 16.43
C ARG A 149 -14.55 11.18 16.43
N SER A 150 -13.37 11.72 16.14
CA SER A 150 -13.23 13.13 15.83
C SER A 150 -12.65 13.29 14.43
N LEU A 151 -13.45 13.85 13.53
CA LEU A 151 -12.96 14.24 12.22
C LEU A 151 -11.89 15.32 12.34
N GLU A 152 -11.95 16.13 13.40
CA GLU A 152 -10.99 17.19 13.61
C GLU A 152 -9.57 16.62 13.68
N GLN A 153 -9.33 15.71 14.64
CA GLN A 153 -8.01 15.13 14.80
C GLN A 153 -7.60 14.30 13.59
N TYR A 154 -8.58 13.74 12.87
CA TYR A 154 -8.26 12.92 11.71
C TYR A 154 -7.63 13.75 10.59
N PHE A 155 -8.27 14.87 10.24
CA PHE A 155 -7.70 15.76 9.25
C PHE A 155 -6.40 16.40 9.73
N LYS A 156 -6.21 16.49 11.06
N LYS A 156 -6.21 16.46 11.05
CA LYS A 156 -5.02 17.14 11.58
CA LYS A 156 -5.03 17.11 11.63
C LYS A 156 -3.75 16.38 11.17
C LYS A 156 -3.75 16.38 11.24
N VAL A 157 -3.80 15.05 11.19
CA VAL A 157 -2.63 14.23 10.91
C VAL A 157 -2.73 13.46 9.60
N ASN A 158 -3.84 13.57 8.88
CA ASN A 158 -3.94 12.86 7.60
C ASN A 158 -3.07 13.51 6.54
N SER A 159 -2.82 14.82 6.66
CA SER A 159 -1.87 15.46 5.74
C SER A 159 -0.45 15.03 6.06
N ASP A 160 -0.12 14.87 7.34
CA ASP A 160 1.20 14.38 7.73
C ASP A 160 1.46 12.99 7.15
N ALA A 161 0.47 12.09 7.22
CA ALA A 161 0.66 10.74 6.73
C ALA A 161 0.88 10.73 5.22
N GLY A 162 0.15 11.57 4.49
CA GLY A 162 0.31 11.62 3.05
C GLY A 162 1.67 12.15 2.63
N ASN A 163 2.17 13.16 3.33
N ASN A 163 2.17 13.16 3.33
CA ASN A 163 3.48 13.72 3.02
CA ASN A 163 3.48 13.71 3.00
C ASN A 163 4.59 12.70 3.26
C ASN A 163 4.57 12.69 3.25
N ALA A 164 4.56 12.04 4.41
CA ALA A 164 5.57 11.04 4.71
C ALA A 164 5.47 9.84 3.79
N MET A 165 4.26 9.50 3.33
CA MET A 165 4.10 8.40 2.38
C MET A 165 4.62 8.77 1.01
N GLY A 166 4.45 10.03 0.60
CA GLY A 166 5.00 10.46 -0.66
C GLY A 166 6.52 10.39 -0.69
N ARG A 167 7.16 10.76 0.42
CA ARG A 167 8.62 10.66 0.49
C ARG A 167 9.07 9.22 0.65
N LEU A 168 8.26 8.38 1.30
CA LEU A 168 8.59 6.96 1.42
C LEU A 168 8.62 6.28 0.05
N GLN A 169 7.68 6.64 -0.82
N GLN A 169 7.68 6.64 -0.82
CA GLN A 169 7.60 5.99 -2.14
CA GLN A 169 7.60 6.00 -2.13
C GLN A 169 8.76 6.41 -3.03
C GLN A 169 8.76 6.41 -3.03
N THR A 170 9.18 7.67 -2.95
CA THR A 170 10.34 8.11 -3.72
C THR A 170 11.61 7.49 -3.17
N LEU A 171 11.73 7.38 -1.85
CA LEU A 171 12.89 6.73 -1.25
C LEU A 171 12.96 5.26 -1.63
N ARG A 172 11.82 4.59 -1.73
CA ARG A 172 11.84 3.20 -2.18
C ARG A 172 12.32 3.10 -3.62
N GLN A 173 11.85 3.99 -4.50
CA GLN A 173 12.27 3.97 -5.89
C GLN A 173 13.79 4.12 -6.01
N GLN A 174 14.36 5.10 -5.31
CA GLN A 174 15.81 5.29 -5.35
C GLN A 174 16.53 4.08 -4.76
N LEU A 175 15.97 3.48 -3.72
CA LEU A 175 16.61 2.32 -3.09
C LEU A 175 16.51 1.09 -3.97
N VAL A 176 15.36 0.88 -4.62
CA VAL A 176 15.20 -0.26 -5.51
C VAL A 176 16.16 -0.16 -6.69
N THR A 177 16.33 1.05 -7.24
CA THR A 177 17.29 1.24 -8.32
C THR A 177 18.71 0.96 -7.85
N THR A 178 19.07 1.43 -6.65
CA THR A 178 20.41 1.20 -6.13
C THR A 178 20.67 -0.28 -5.88
N LEU A 179 19.68 -0.99 -5.34
CA LEU A 179 19.84 -2.43 -5.11
C LEU A 179 19.95 -3.17 -6.43
N SER A 180 19.09 -2.84 -7.40
CA SER A 180 19.17 -3.45 -8.72
C SER A 180 20.50 -3.16 -9.40
N GLU A 181 21.06 -1.97 -9.17
CA GLU A 181 22.37 -1.64 -9.74
C GLU A 181 23.48 -2.47 -9.10
N ARG A 182 23.40 -2.67 -7.78
CA ARG A 182 24.42 -3.47 -7.10
C ARG A 182 24.34 -4.94 -7.53
N GLY A 183 23.13 -5.49 -7.61
CA GLY A 183 22.99 -6.87 -8.06
C GLY A 183 23.50 -7.06 -9.47
N GLN A 184 23.17 -6.13 -10.38
CA GLN A 184 23.66 -6.23 -11.75
C GLN A 184 25.18 -6.08 -11.80
N GLN A 185 25.75 -5.26 -10.92
CA GLN A 185 27.20 -5.09 -10.91
C GLN A 185 27.92 -6.41 -10.64
N ILE A 186 27.27 -7.35 -9.94
CA ILE A 186 27.91 -8.61 -9.62
C ILE A 186 27.97 -9.53 -10.85
N MET A 187 26.96 -9.46 -11.70
N MET A 187 26.94 -9.48 -11.69
CA MET A 187 26.92 -10.33 -12.88
CA MET A 187 26.93 -10.32 -12.89
C MET A 187 27.86 -9.88 -13.98
C MET A 187 28.04 -9.94 -13.85
N LEU A 188 28.39 -8.67 -13.91
CA LEU A 188 29.39 -8.17 -14.87
C LEU A 188 30.77 -8.04 -14.23
N THR B 55 12.30 -10.08 -16.64
CA THR B 55 12.14 -10.44 -15.23
C THR B 55 12.18 -9.21 -14.34
N ALA B 56 13.01 -8.24 -14.71
CA ALA B 56 13.03 -6.97 -14.00
C ALA B 56 11.78 -6.16 -14.32
N HIS B 57 11.35 -6.16 -15.58
CA HIS B 57 10.12 -5.46 -15.94
C HIS B 57 8.90 -6.13 -15.31
N GLN B 58 8.91 -7.45 -15.17
CA GLN B 58 7.78 -8.14 -14.56
C GLN B 58 7.66 -7.81 -13.08
N SER B 59 8.79 -7.76 -12.37
CA SER B 59 8.75 -7.40 -10.95
C SER B 59 8.32 -5.95 -10.75
N ASP B 60 8.76 -5.05 -11.64
CA ASP B 60 8.33 -3.66 -11.54
C ASP B 60 6.83 -3.54 -11.82
N ARG B 61 6.32 -4.24 -12.83
CA ARG B 61 4.89 -4.24 -13.09
C ARG B 61 4.12 -4.75 -11.88
N LEU B 62 4.58 -5.86 -11.29
CA LEU B 62 3.86 -6.47 -10.18
C LEU B 62 3.89 -5.59 -8.95
N ASN B 63 5.07 -5.05 -8.61
CA ASN B 63 5.18 -4.25 -7.39
C ASN B 63 4.46 -2.91 -7.55
N ASN B 64 4.58 -2.27 -8.71
CA ASN B 64 3.88 -1.00 -8.91
C ASN B 64 2.38 -1.20 -8.98
N ALA B 65 1.92 -2.31 -9.59
CA ALA B 65 0.49 -2.57 -9.65
C ALA B 65 -0.12 -2.69 -8.26
N LEU B 66 0.59 -3.34 -7.34
CA LEU B 66 0.04 -3.54 -6.00
C LEU B 66 0.07 -2.27 -5.18
N LEU B 67 1.18 -1.52 -5.24
CA LEU B 67 1.26 -0.26 -4.50
C LEU B 67 0.20 0.72 -4.99
N MET B 68 -0.03 0.77 -6.30
N MET B 68 -0.04 0.76 -6.30
CA MET B 68 -1.03 1.67 -6.83
CA MET B 68 -1.03 1.67 -6.85
C MET B 68 -2.44 1.20 -6.50
C MET B 68 -2.46 1.19 -6.65
N ALA B 69 -2.66 -0.11 -6.44
CA ALA B 69 -3.99 -0.63 -6.14
C ALA B 69 -4.39 -0.31 -4.71
N ILE B 70 -3.45 -0.39 -3.77
N ILE B 70 -3.46 -0.41 -3.77
CA ILE B 70 -3.77 -0.10 -2.37
CA ILE B 70 -3.78 -0.08 -2.39
C ILE B 70 -3.92 1.41 -2.17
C ILE B 70 -3.99 1.43 -2.24
N ARG B 71 -3.16 2.22 -2.90
CA ARG B 71 -3.34 3.67 -2.83
C ARG B 71 -4.66 4.10 -3.43
N SER B 72 -5.16 3.36 -4.43
N SER B 72 -5.16 3.36 -4.43
CA SER B 72 -6.48 3.63 -4.98
CA SER B 72 -6.48 3.65 -4.97
C SER B 72 -7.56 3.44 -3.91
C SER B 72 -7.57 3.42 -3.93
N SER B 73 -7.39 2.44 -3.05
CA SER B 73 -8.34 2.22 -1.97
C SER B 73 -8.18 3.24 -0.85
N ALA B 74 -6.94 3.47 -0.41
CA ALA B 74 -6.72 4.45 0.64
C ALA B 74 -7.27 5.82 0.27
N ASN B 75 -7.30 6.14 -1.04
CA ASN B 75 -7.76 7.45 -1.47
C ASN B 75 -9.29 7.56 -1.45
N VAL B 76 -10.00 6.49 -1.77
N VAL B 76 -9.99 6.49 -1.84
CA VAL B 76 -11.46 6.57 -1.73
CA VAL B 76 -11.44 6.47 -1.71
C VAL B 76 -11.96 6.60 -0.28
C VAL B 76 -11.84 6.71 -0.26
N SER B 77 -11.27 5.91 0.64
CA SER B 77 -11.63 6.01 2.05
C SER B 77 -11.30 7.39 2.58
N SER B 78 -10.13 7.92 2.23
CA SER B 78 -9.82 9.31 2.56
C SER B 78 -10.86 10.25 1.98
N GLY B 79 -11.24 10.04 0.71
CA GLY B 79 -12.24 10.89 0.09
C GLY B 79 -13.59 10.81 0.77
N PHE B 80 -14.01 9.61 1.17
CA PHE B 80 -15.27 9.45 1.89
C PHE B 80 -15.25 10.25 3.18
N ILE B 81 -14.14 10.18 3.92
CA ILE B 81 -14.04 10.88 5.19
C ILE B 81 -14.09 12.38 4.98
N GLU B 82 -13.52 12.88 3.87
N GLU B 82 -13.50 12.88 3.88
CA GLU B 82 -13.57 14.30 3.60
CA GLU B 82 -13.57 14.31 3.58
C GLU B 82 -14.98 14.76 3.24
C GLU B 82 -14.99 14.75 3.27
N GLN B 83 -15.78 13.87 2.63
CA GLN B 83 -17.19 14.20 2.39
C GLN B 83 -17.95 14.36 3.70
N LEU B 84 -17.63 13.51 4.69
CA LEU B 84 -18.30 13.60 5.99
C LEU B 84 -17.95 14.89 6.71
N GLY B 85 -16.76 15.43 6.47
CA GLY B 85 -16.32 16.68 7.05
C GLY B 85 -16.63 17.92 6.24
N GLY B 86 -17.37 17.78 5.14
CA GLY B 86 -17.72 18.93 4.32
C GLY B 86 -16.66 19.33 3.31
N HIS B 87 -15.60 18.54 3.15
CA HIS B 87 -14.54 18.86 2.19
C HIS B 87 -14.88 18.24 0.83
N ASP B 88 -15.90 18.82 0.20
CA ASP B 88 -16.44 18.24 -1.02
C ASP B 88 -15.48 18.37 -2.20
N GLU B 89 -14.79 19.51 -2.31
N GLU B 89 -14.80 19.51 -2.32
CA GLU B 89 -13.80 19.67 -3.36
CA GLU B 89 -13.85 19.67 -3.42
C GLU B 89 -12.62 18.71 -3.16
C GLU B 89 -12.63 18.78 -3.23
N SER B 90 -12.09 18.66 -1.94
N SER B 90 -12.14 18.66 -1.99
CA SER B 90 -10.97 17.77 -1.66
CA SER B 90 -11.00 17.80 -1.74
C SER B 90 -11.35 16.30 -1.84
C SER B 90 -11.36 16.32 -1.89
N ALA B 91 -12.62 15.97 -1.62
CA ALA B 91 -13.05 14.59 -1.81
C ALA B 91 -13.08 14.22 -3.29
N GLY B 92 -13.51 15.13 -4.15
CA GLY B 92 -13.50 14.87 -5.58
C GLY B 92 -12.10 14.61 -6.11
N LYS B 93 -11.10 15.31 -5.56
N LYS B 93 -11.09 15.28 -5.53
CA LYS B 93 -9.71 15.07 -5.93
CA LYS B 93 -9.72 15.05 -5.99
C LYS B 93 -9.30 13.64 -5.58
C LYS B 93 -9.22 13.67 -5.55
N ARG B 94 -9.62 13.21 -4.36
CA ARG B 94 -9.26 11.86 -3.94
C ARG B 94 -9.93 10.82 -4.82
N MET B 95 -11.19 11.07 -5.21
N MET B 95 -11.19 11.07 -5.21
CA MET B 95 -11.91 10.13 -6.06
CA MET B 95 -11.90 10.12 -6.06
C MET B 95 -11.25 10.00 -7.43
C MET B 95 -11.24 10.00 -7.43
N ALA B 96 -10.84 11.14 -8.02
CA ALA B 96 -10.20 11.10 -9.33
C ALA B 96 -8.87 10.37 -9.28
N LEU B 97 -8.07 10.63 -8.22
CA LEU B 97 -6.80 9.92 -8.08
C LEU B 97 -7.02 8.43 -7.89
N SER B 98 -8.10 8.06 -7.20
CA SER B 98 -8.40 6.64 -7.02
C SER B 98 -8.77 5.98 -8.34
N VAL B 99 -9.51 6.68 -9.19
CA VAL B 99 -9.83 6.17 -10.52
C VAL B 99 -8.55 5.95 -11.32
N GLU B 100 -7.66 6.95 -11.31
CA GLU B 100 -6.44 6.88 -12.10
C GLU B 100 -5.52 5.77 -11.63
N LEU B 101 -5.34 5.64 -10.30
CA LEU B 101 -4.50 4.57 -9.78
C LEU B 101 -5.08 3.20 -10.12
N ASN B 102 -6.40 3.08 -10.16
CA ASN B 102 -7.03 1.81 -10.54
C ASN B 102 -6.78 1.50 -12.01
N ASN B 103 -6.94 2.49 -12.89
CA ASN B 103 -6.70 2.27 -14.31
C ASN B 103 -5.24 1.91 -14.56
N LYS B 104 -4.31 2.59 -13.89
N LYS B 104 -4.31 2.58 -13.89
CA LYS B 104 -2.89 2.32 -14.11
CA LYS B 104 -2.89 2.32 -14.11
C LYS B 104 -2.51 0.95 -13.57
C LYS B 104 -2.48 0.96 -13.56
N SER B 105 -3.00 0.58 -12.39
CA SER B 105 -2.64 -0.72 -11.81
C SER B 105 -3.26 -1.85 -12.61
N GLN B 106 -4.48 -1.66 -13.11
CA GLN B 106 -5.09 -2.66 -13.98
C GLN B 106 -4.27 -2.88 -15.24
N ALA B 107 -3.72 -1.80 -15.81
CA ALA B 107 -2.90 -1.94 -17.00
C ALA B 107 -1.63 -2.73 -16.72
N LEU B 108 -1.01 -2.50 -15.56
CA LEU B 108 0.19 -3.24 -15.21
C LEU B 108 -0.09 -4.71 -15.00
N VAL B 109 -1.21 -5.04 -14.32
CA VAL B 109 -1.59 -6.43 -14.14
C VAL B 109 -1.78 -7.12 -15.49
N ASP B 110 -2.38 -6.40 -16.44
CA ASP B 110 -2.60 -6.99 -17.77
C ASP B 110 -1.28 -7.24 -18.49
N GLU B 111 -0.36 -6.27 -18.46
CA GLU B 111 0.96 -6.48 -19.04
C GLU B 111 1.66 -7.67 -18.39
N PHE B 112 1.56 -7.80 -17.07
CA PHE B 112 2.23 -8.88 -16.36
C PHE B 112 1.72 -10.24 -16.83
N VAL B 113 0.40 -10.40 -16.91
CA VAL B 113 -0.18 -11.69 -17.28
C VAL B 113 0.19 -12.05 -18.71
N GLU B 114 0.22 -11.06 -19.61
N GLU B 114 0.24 -11.07 -19.61
CA GLU B 114 0.59 -11.34 -21.00
CA GLU B 114 0.57 -11.35 -21.00
C GLU B 114 2.04 -11.79 -21.12
C GLU B 114 2.05 -11.70 -21.18
N ASN B 115 2.92 -11.28 -20.27
CA ASN B 115 4.34 -11.60 -20.34
C ASN B 115 4.72 -12.76 -19.43
N ALA B 116 3.75 -13.40 -18.77
CA ALA B 116 3.99 -14.56 -17.92
C ALA B 116 3.50 -15.79 -18.67
N ARG B 117 4.37 -16.39 -19.48
N ARG B 117 4.40 -16.41 -19.42
CA ARG B 117 3.97 -17.50 -20.32
CA ARG B 117 4.11 -17.55 -20.28
C ARG B 117 4.62 -18.83 -19.94
C ARG B 117 4.68 -18.87 -19.78
N GLU B 118 5.74 -18.79 -19.25
N GLU B 118 5.87 -18.85 -19.18
CA GLU B 118 6.36 -20.02 -18.76
CA GLU B 118 6.49 -20.06 -18.66
C GLU B 118 5.39 -20.76 -17.85
C GLU B 118 5.50 -20.80 -17.76
N PRO B 119 5.21 -22.07 -18.05
CA PRO B 119 4.16 -22.78 -17.28
C PRO B 119 4.36 -22.79 -15.77
N ALA B 120 5.58 -22.53 -15.29
CA ALA B 120 5.79 -22.39 -13.85
C ALA B 120 5.08 -21.15 -13.29
N LEU B 121 4.77 -20.18 -14.16
CA LEU B 121 4.12 -18.93 -13.76
C LEU B 121 2.71 -18.78 -14.31
N ARG B 122 2.30 -19.59 -15.27
CA ARG B 122 1.05 -19.35 -15.97
C ARG B 122 -0.16 -19.46 -15.03
N GLY B 123 -0.18 -20.48 -14.18
CA GLY B 123 -1.29 -20.61 -13.25
C GLY B 123 -1.26 -19.57 -12.15
N LEU B 124 -0.06 -19.24 -11.66
CA LEU B 124 0.06 -18.22 -10.62
C LEU B 124 -0.28 -16.83 -11.16
N ALA B 125 0.07 -16.55 -12.41
CA ALA B 125 -0.27 -15.27 -13.01
C ALA B 125 -1.77 -15.13 -13.18
N THR B 126 -2.45 -16.20 -13.59
CA THR B 126 -3.90 -16.16 -13.75
C THR B 126 -4.59 -16.00 -12.40
N GLU B 127 -4.06 -16.63 -11.36
CA GLU B 127 -4.61 -16.46 -10.02
C GLU B 127 -4.45 -15.02 -9.55
N LEU B 128 -3.30 -14.41 -9.84
CA LEU B 128 -3.11 -12.99 -9.51
C LEU B 128 -4.13 -12.12 -10.25
N GLN B 129 -4.34 -12.40 -11.52
CA GLN B 129 -5.30 -11.62 -12.32
C GLN B 129 -6.70 -11.68 -11.72
N ALA B 130 -7.16 -12.88 -11.37
CA ALA B 130 -8.51 -13.03 -10.84
C ALA B 130 -8.62 -12.42 -9.44
N THR B 131 -7.61 -12.60 -8.60
CA THR B 131 -7.64 -12.00 -7.27
C THR B 131 -7.58 -10.48 -7.36
N PHE B 132 -6.77 -9.96 -8.28
CA PHE B 132 -6.74 -8.51 -8.50
C PHE B 132 -8.08 -8.00 -8.98
N ALA B 133 -8.78 -8.79 -9.81
CA ALA B 133 -10.10 -8.41 -10.26
C ALA B 133 -11.09 -8.31 -9.11
N GLU B 134 -10.98 -9.21 -8.13
N GLU B 134 -10.98 -9.23 -8.14
CA GLU B 134 -11.83 -9.13 -6.95
CA GLU B 134 -11.81 -9.14 -6.94
C GLU B 134 -11.55 -7.85 -6.16
C GLU B 134 -11.55 -7.84 -6.20
N TYR B 135 -10.27 -7.48 -6.04
CA TYR B 135 -9.92 -6.28 -5.29
C TYR B 135 -10.42 -5.02 -6.00
N ALA B 136 -10.16 -4.92 -7.31
CA ALA B 136 -10.60 -3.76 -8.06
C ALA B 136 -12.11 -3.61 -8.02
N LYS B 137 -12.84 -4.73 -8.11
CA LYS B 137 -14.28 -4.67 -8.05
C LYS B 137 -14.76 -4.15 -6.69
N ALA B 138 -14.10 -4.57 -5.62
CA ALA B 138 -14.46 -4.07 -4.29
C ALA B 138 -14.13 -2.59 -4.15
N VAL B 139 -12.97 -2.16 -4.66
CA VAL B 139 -12.60 -0.75 -4.60
C VAL B 139 -13.55 0.08 -5.46
N ALA B 140 -13.99 -0.47 -6.59
CA ALA B 140 -15.05 0.18 -7.36
C ALA B 140 -16.34 0.28 -6.55
N GLY B 141 -16.62 -0.72 -5.71
CA GLY B 141 -17.76 -0.63 -4.81
C GLY B 141 -17.56 0.41 -3.73
N GLN B 142 -16.32 0.59 -3.26
CA GLN B 142 -16.03 1.66 -2.32
C GLN B 142 -16.29 3.03 -2.96
N ARG B 143 -15.92 3.17 -4.24
CA ARG B 143 -16.14 4.43 -4.94
C ARG B 143 -17.61 4.74 -5.10
N GLU B 144 -18.42 3.74 -5.48
CA GLU B 144 -19.83 3.99 -5.67
C GLU B 144 -20.55 4.22 -4.35
N ALA B 145 -20.12 3.54 -3.28
CA ALA B 145 -20.66 3.85 -1.97
C ALA B 145 -20.32 5.27 -1.54
N THR B 146 -19.17 5.78 -2.00
CA THR B 146 -18.79 7.15 -1.67
C THR B 146 -19.64 8.17 -2.44
N ARG B 147 -19.89 7.90 -3.73
N ARG B 147 -19.89 7.91 -3.73
CA ARG B 147 -20.72 8.81 -4.52
CA ARG B 147 -20.73 8.81 -4.51
C ARG B 147 -22.16 8.83 -4.02
C ARG B 147 -22.14 8.85 -3.96
N GLN B 148 -22.64 7.72 -3.48
CA GLN B 148 -23.98 7.66 -2.89
C GLN B 148 -23.96 7.98 -1.40
N ARG B 149 -22.79 8.31 -0.84
CA ARG B 149 -22.66 8.76 0.55
C ARG B 149 -23.31 7.78 1.51
N SER B 150 -23.07 6.49 1.29
CA SER B 150 -23.69 5.42 2.07
C SER B 150 -22.62 4.75 2.93
N LEU B 151 -22.76 4.90 4.25
CA LEU B 151 -21.84 4.23 5.16
C LEU B 151 -22.04 2.72 5.15
N GLU B 152 -23.28 2.25 4.98
CA GLU B 152 -23.54 0.82 5.02
C GLU B 152 -23.02 0.12 3.77
N GLN B 153 -23.21 0.71 2.59
CA GLN B 153 -22.66 0.12 1.38
C GLN B 153 -21.13 0.08 1.42
N TYR B 154 -20.51 1.08 2.06
CA TYR B 154 -19.06 1.06 2.19
C TYR B 154 -18.61 -0.11 3.05
N PHE B 155 -19.33 -0.39 4.13
CA PHE B 155 -18.94 -1.49 5.02
C PHE B 155 -19.08 -2.85 4.34
N LYS B 156 -20.10 -3.01 3.48
N LYS B 156 -20.05 -2.99 3.42
CA LYS B 156 -20.32 -4.29 2.83
CA LYS B 156 -20.33 -4.31 2.86
C LYS B 156 -19.11 -4.71 2.02
C LYS B 156 -19.27 -4.75 1.85
N VAL B 157 -18.61 -3.82 1.16
CA VAL B 157 -17.52 -4.16 0.26
C VAL B 157 -16.16 -4.04 0.91
N ASN B 158 -16.08 -3.48 2.12
CA ASN B 158 -14.78 -3.26 2.76
C ASN B 158 -14.10 -4.58 3.10
N SER B 159 -14.88 -5.58 3.51
N SER B 159 -14.88 -5.58 3.51
CA SER B 159 -14.29 -6.88 3.82
CA SER B 159 -14.29 -6.88 3.82
C SER B 159 -13.78 -7.57 2.56
C SER B 159 -13.78 -7.58 2.56
N ASP B 160 -14.46 -7.38 1.42
CA ASP B 160 -14.00 -7.98 0.18
C ASP B 160 -12.66 -7.39 -0.25
N ALA B 161 -12.46 -6.09 -0.05
CA ALA B 161 -11.20 -5.45 -0.41
C ALA B 161 -10.08 -5.89 0.53
N GLY B 162 -10.36 -5.98 1.83
CA GLY B 162 -9.32 -6.34 2.78
C GLY B 162 -8.82 -7.76 2.60
N ASN B 163 -9.74 -8.70 2.36
CA ASN B 163 -9.34 -10.09 2.18
C ASN B 163 -8.61 -10.30 0.86
N ALA B 164 -9.05 -9.64 -0.21
CA ALA B 164 -8.39 -9.78 -1.49
C ALA B 164 -6.97 -9.22 -1.45
N MET B 165 -6.78 -8.07 -0.80
CA MET B 165 -5.45 -7.48 -0.70
C MET B 165 -4.54 -8.31 0.20
N GLY B 166 -5.08 -8.92 1.24
CA GLY B 166 -4.29 -9.85 2.03
C GLY B 166 -3.81 -11.04 1.21
N ARG B 167 -4.64 -11.48 0.26
CA ARG B 167 -4.23 -12.57 -0.63
C ARG B 167 -3.22 -12.09 -1.66
N LEU B 168 -3.39 -10.86 -2.16
CA LEU B 168 -2.44 -10.30 -3.10
C LEU B 168 -1.05 -10.13 -2.48
N GLN B 169 -1.01 -9.83 -1.17
CA GLN B 169 0.27 -9.70 -0.49
C GLN B 169 1.03 -11.02 -0.50
N THR B 170 0.33 -12.13 -0.21
CA THR B 170 0.98 -13.44 -0.24
C THR B 170 1.24 -13.90 -1.67
N LEU B 171 0.35 -13.56 -2.59
CA LEU B 171 0.54 -13.94 -3.99
C LEU B 171 1.77 -13.26 -4.58
N ARG B 172 1.97 -11.98 -4.28
CA ARG B 172 3.13 -11.27 -4.82
C ARG B 172 4.43 -11.87 -4.33
N GLN B 173 4.49 -12.24 -3.05
CA GLN B 173 5.69 -12.87 -2.50
C GLN B 173 6.00 -14.16 -3.25
N GLN B 174 4.99 -15.01 -3.43
CA GLN B 174 5.20 -16.26 -4.15
C GLN B 174 5.60 -16.02 -5.60
N LEU B 175 5.10 -14.95 -6.20
CA LEU B 175 5.39 -14.69 -7.61
C LEU B 175 6.84 -14.26 -7.82
N VAL B 176 7.42 -13.51 -6.87
CA VAL B 176 8.79 -13.04 -7.06
C VAL B 176 9.82 -14.11 -6.68
N THR B 177 9.46 -15.09 -5.85
CA THR B 177 10.35 -16.24 -5.67
C THR B 177 10.33 -17.17 -6.88
N THR B 178 9.19 -17.26 -7.57
CA THR B 178 9.14 -18.00 -8.83
C THR B 178 9.79 -17.20 -9.95
N LEU B 179 9.99 -15.89 -9.76
CA LEU B 179 10.70 -15.07 -10.73
C LEU B 179 12.20 -15.06 -10.52
N SER B 180 12.74 -15.98 -9.73
CA SER B 180 14.17 -16.05 -9.48
C SER B 180 14.81 -17.20 -10.24
#